data_8J8O
#
_entry.id   8J8O
#
_cell.length_a   106.046
_cell.length_b   106.046
_cell.length_c   101.586
_cell.angle_alpha   90.00
_cell.angle_beta   90.00
_cell.angle_gamma   120.00
#
_symmetry.space_group_name_H-M   'P 3 2 1'
#
loop_
_entity.id
_entity.type
_entity.pdbx_description
1 polymer p26
2 non-polymer GLYCEROL
3 non-polymer 1,2-ETHANEDIOL
4 non-polymer cGAMP
5 water water
#
_entity_poly.entity_id   1
_entity_poly.type   'polypeptide(L)'
_entity_poly.pdbx_seq_one_letter_code
;DNQHKKIKGYRDLSQEEIDMMNRVKELGSQFEKLIQDVSDHLRGQYNASLHNRDEITRIANAEPGRWLAIGKTDIQTGMM
AIIRAIAQPDSF
;
_entity_poly.pdbx_strand_id   A,B,C,D,E,F
#
# COMPACT_ATOMS: atom_id res chain seq x y z
N ASP A 1 -60.32 -5.84 -47.20
CA ASP A 1 -59.95 -6.58 -48.40
C ASP A 1 -59.28 -5.67 -49.42
N ASN A 2 -58.21 -6.17 -50.03
CA ASN A 2 -57.45 -5.45 -51.05
C ASN A 2 -57.04 -4.07 -50.55
N GLN A 3 -56.27 -4.08 -49.47
CA GLN A 3 -55.85 -2.83 -48.84
C GLN A 3 -54.97 -2.04 -49.76
N HIS A 4 -54.20 -2.72 -50.59
CA HIS A 4 -53.27 -2.03 -51.46
C HIS A 4 -53.88 -1.05 -52.40
N LYS A 5 -55.05 -1.35 -52.93
CA LYS A 5 -55.74 -0.44 -53.82
C LYS A 5 -56.03 0.90 -53.16
N LYS A 6 -56.27 0.90 -51.88
CA LYS A 6 -56.50 2.11 -51.09
C LYS A 6 -55.23 2.87 -50.78
N ILE A 7 -54.06 2.27 -50.90
CA ILE A 7 -52.81 2.95 -50.59
C ILE A 7 -52.20 3.50 -51.87
N LYS A 8 -51.89 4.79 -51.85
CA LYS A 8 -51.41 5.47 -53.05
C LYS A 8 -50.08 4.90 -53.51
N GLY A 9 -49.97 4.72 -54.83
CA GLY A 9 -48.74 4.25 -55.44
C GLY A 9 -48.59 2.76 -55.40
N TYR A 10 -49.36 2.07 -54.58
CA TYR A 10 -49.23 0.64 -54.50
C TYR A 10 -49.83 0.03 -55.76
N ARG A 11 -49.18 -1.00 -56.28
CA ARG A 11 -49.62 -1.61 -57.52
C ARG A 11 -49.74 -3.10 -57.26
N ASP A 12 -50.40 -3.77 -58.20
CA ASP A 12 -50.54 -5.21 -58.10
C ASP A 12 -49.19 -5.87 -58.30
N LEU A 13 -48.96 -6.97 -57.59
CA LEU A 13 -47.67 -7.65 -57.63
C LEU A 13 -47.89 -9.09 -58.03
N SER A 14 -47.00 -9.59 -58.88
CA SER A 14 -47.05 -10.98 -59.29
C SER A 14 -46.38 -11.87 -58.24
N GLN A 15 -46.65 -13.17 -58.34
CA GLN A 15 -46.09 -14.13 -57.40
C GLN A 15 -44.56 -14.10 -57.36
N GLU A 16 -43.90 -13.89 -58.51
CA GLU A 16 -42.44 -13.80 -58.52
C GLU A 16 -41.95 -12.62 -57.69
N GLU A 17 -42.60 -11.46 -57.85
CA GLU A 17 -42.24 -10.28 -57.08
C GLU A 17 -42.42 -10.51 -55.59
N ILE A 18 -43.56 -11.10 -55.21
CA ILE A 18 -43.84 -11.35 -53.79
C ILE A 18 -42.84 -12.34 -53.23
N ASP A 19 -42.47 -13.34 -54.03
CA ASP A 19 -41.48 -14.31 -53.59
C ASP A 19 -40.11 -13.67 -53.36
N MET A 20 -39.72 -12.73 -54.23
CA MET A 20 -38.45 -12.02 -54.02
C MET A 20 -38.49 -11.15 -52.76
N MET A 21 -39.57 -10.39 -52.59
CA MET A 21 -39.73 -9.60 -51.36
C MET A 21 -39.62 -10.47 -50.13
N ASN A 22 -40.29 -11.63 -50.15
CA ASN A 22 -40.23 -12.52 -49.00
C ASN A 22 -38.84 -13.09 -48.80
N ARG A 23 -38.09 -13.32 -49.89
CA ARG A 23 -36.70 -13.75 -49.77
C ARG A 23 -35.88 -12.72 -49.00
N VAL A 24 -36.08 -11.44 -49.33
CA VAL A 24 -35.40 -10.37 -48.57
C VAL A 24 -35.80 -10.43 -47.10
N LYS A 25 -37.07 -10.57 -46.82
CA LYS A 25 -37.51 -10.60 -45.44
C LYS A 25 -36.94 -11.77 -44.67
N GLU A 26 -36.83 -12.90 -45.31
CA GLU A 26 -36.25 -14.06 -44.67
C GLU A 26 -34.79 -13.92 -44.31
N LEU A 27 -34.02 -13.32 -45.20
CA LEU A 27 -32.63 -13.08 -44.93
C LEU A 27 -32.48 -12.13 -43.77
N GLY A 28 -33.38 -11.18 -43.70
CA GLY A 28 -33.38 -10.28 -42.59
C GLY A 28 -33.60 -10.95 -41.27
N SER A 29 -34.44 -11.97 -41.24
CA SER A 29 -34.66 -12.74 -40.03
C SER A 29 -33.38 -13.37 -39.57
N GLN A 30 -32.56 -13.83 -40.49
CA GLN A 30 -31.26 -14.35 -40.12
C GLN A 30 -30.37 -13.27 -39.51
N PHE A 31 -30.44 -12.07 -40.04
CA PHE A 31 -29.70 -10.98 -39.44
C PHE A 31 -30.20 -10.66 -38.03
N GLU A 32 -31.49 -10.75 -37.81
CA GLU A 32 -32.05 -10.50 -36.51
C GLU A 32 -31.49 -11.46 -35.49
N LYS A 33 -31.39 -12.72 -35.85
CA LYS A 33 -30.81 -13.70 -34.97
C LYS A 33 -29.36 -13.44 -34.67
N LEU A 34 -28.62 -13.04 -35.69
CA LEU A 34 -27.23 -12.70 -35.49
C LEU A 34 -27.08 -11.51 -34.56
N ILE A 35 -27.93 -10.50 -34.72
CA ILE A 35 -27.90 -9.32 -33.85
C ILE A 35 -28.22 -9.69 -32.41
N GLN A 36 -29.18 -10.57 -32.20
CA GLN A 36 -29.48 -11.04 -30.86
C GLN A 36 -28.32 -11.77 -30.26
N ASP A 37 -27.66 -12.58 -31.05
CA ASP A 37 -26.49 -13.27 -30.58
C ASP A 37 -25.36 -12.33 -30.19
N VAL A 38 -25.13 -11.29 -30.97
CA VAL A 38 -24.15 -10.28 -30.60
C VAL A 38 -24.57 -9.53 -29.35
N SER A 39 -25.84 -9.21 -29.22
CA SER A 39 -26.32 -8.57 -28.00
C SER A 39 -26.08 -9.48 -26.80
N ASP A 40 -26.31 -10.78 -26.96
CA ASP A 40 -26.03 -11.72 -25.89
C ASP A 40 -24.56 -11.80 -25.55
N HIS A 41 -23.68 -11.73 -26.55
CA HIS A 41 -22.26 -11.69 -26.29
C HIS A 41 -21.87 -10.49 -25.52
N LEU A 42 -22.43 -9.35 -25.88
CA LEU A 42 -22.15 -8.11 -25.19
C LEU A 42 -22.62 -8.14 -23.75
N ARG A 43 -23.77 -8.75 -23.50
CA ARG A 43 -24.26 -8.85 -22.14
C ARG A 43 -23.34 -9.67 -21.29
N GLY A 44 -22.87 -10.78 -21.84
CA GLY A 44 -21.90 -11.58 -21.14
C GLY A 44 -20.57 -10.91 -20.91
N GLN A 45 -20.08 -10.20 -21.91
CA GLN A 45 -18.83 -9.52 -21.79
C GLN A 45 -18.87 -8.48 -20.73
N TYR A 46 -19.95 -7.73 -20.66
CA TYR A 46 -20.09 -6.74 -19.66
C TYR A 46 -20.14 -7.36 -18.27
N ASN A 47 -20.89 -8.44 -18.15
CA ASN A 47 -21.06 -9.07 -16.86
C ASN A 47 -19.78 -9.65 -16.36
N ALA A 48 -19.02 -10.26 -17.25
CA ALA A 48 -17.78 -10.88 -16.89
C ALA A 48 -16.77 -9.89 -16.45
N SER A 49 -16.95 -8.66 -16.87
CA SER A 49 -16.00 -7.65 -16.52
C SER A 49 -16.40 -6.60 -15.49
N LEU A 50 -17.56 -6.70 -14.88
CA LEU A 50 -17.91 -5.74 -13.84
C LEU A 50 -16.93 -5.89 -12.71
N HIS A 51 -16.45 -4.81 -12.10
CA HIS A 51 -15.41 -4.79 -11.03
C HIS A 51 -14.01 -4.73 -11.58
N ASN A 52 -13.88 -4.78 -12.90
CA ASN A 52 -12.59 -4.69 -13.58
C ASN A 52 -12.87 -3.38 -14.28
N ARG A 53 -12.55 -2.28 -13.64
CA ARG A 53 -12.86 -0.97 -14.14
C ARG A 53 -12.27 -0.63 -15.48
N ASP A 54 -11.04 -1.03 -15.71
CA ASP A 54 -10.39 -0.77 -16.95
C ASP A 54 -11.15 -1.37 -18.13
N GLU A 55 -11.65 -2.58 -17.98
CA GLU A 55 -12.39 -3.18 -19.09
C GLU A 55 -13.76 -2.54 -19.22
N ILE A 56 -14.39 -2.19 -18.10
CA ILE A 56 -15.70 -1.55 -18.18
C ILE A 56 -15.57 -0.19 -18.86
N THR A 57 -14.50 0.55 -18.55
CA THR A 57 -14.23 1.82 -19.21
C THR A 57 -13.96 1.63 -20.69
N ARG A 58 -13.19 0.60 -21.03
CA ARG A 58 -12.91 0.33 -22.44
C ARG A 58 -14.19 0.02 -23.20
N ILE A 59 -15.05 -0.82 -22.63
CA ILE A 59 -16.31 -1.16 -23.28
C ILE A 59 -17.18 0.08 -23.41
N ALA A 60 -17.29 0.87 -22.35
CA ALA A 60 -18.07 2.10 -22.44
C ALA A 60 -17.56 2.99 -23.55
N ASN A 61 -16.23 3.04 -23.73
CA ASN A 61 -15.66 3.91 -24.76
C ASN A 61 -15.89 3.35 -26.16
N ALA A 62 -15.93 2.02 -26.30
CA ALA A 62 -16.19 1.44 -27.61
C ALA A 62 -17.65 1.59 -28.02
N GLU A 63 -18.55 1.73 -27.04
CA GLU A 63 -19.98 1.92 -27.28
C GLU A 63 -20.58 0.81 -28.13
N PRO A 64 -20.30 -0.46 -27.86
CA PRO A 64 -20.75 -1.50 -28.79
C PRO A 64 -22.27 -1.62 -28.92
N GLY A 65 -23.05 -1.35 -27.86
CA GLY A 65 -24.50 -1.42 -27.99
C GLY A 65 -25.07 -0.37 -28.93
N ARG A 66 -24.54 0.85 -28.86
CA ARG A 66 -24.92 1.88 -29.81
C ARG A 66 -24.58 1.47 -31.24
N TRP A 67 -23.40 0.89 -31.46
CA TRP A 67 -23.00 0.49 -32.80
C TRP A 67 -23.86 -0.66 -33.32
N LEU A 68 -24.23 -1.58 -32.42
CA LEU A 68 -25.13 -2.66 -32.80
C LEU A 68 -26.49 -2.12 -33.22
N ALA A 69 -26.98 -1.10 -32.50
CA ALA A 69 -28.25 -0.48 -32.90
C ALA A 69 -28.13 0.22 -34.25
N ILE A 70 -27.01 0.90 -34.48
CA ILE A 70 -26.75 1.52 -35.79
C ILE A 70 -26.80 0.48 -36.89
N GLY A 71 -26.10 -0.64 -36.67
CA GLY A 71 -26.10 -1.69 -37.67
C GLY A 71 -27.49 -2.24 -37.92
N LYS A 72 -28.27 -2.45 -36.86
CA LYS A 72 -29.62 -2.97 -37.02
C LYS A 72 -30.45 -2.06 -37.89
N THR A 73 -30.43 -0.75 -37.61
CA THR A 73 -31.19 0.19 -38.43
C THR A 73 -30.74 0.17 -39.88
N ASP A 74 -29.43 0.14 -40.12
CA ASP A 74 -28.99 0.13 -41.53
C ASP A 74 -29.44 -1.14 -42.24
N ILE A 75 -29.38 -2.29 -41.55
CA ILE A 75 -29.86 -3.53 -42.15
C ILE A 75 -31.34 -3.42 -42.50
N GLN A 76 -32.15 -2.90 -41.57
CA GLN A 76 -33.58 -2.83 -41.83
C GLN A 76 -33.91 -1.86 -42.97
N THR A 77 -33.29 -0.68 -42.99
CA THR A 77 -33.59 0.25 -44.07
C THR A 77 -33.05 -0.24 -45.40
N GLY A 78 -31.93 -0.96 -45.41
CA GLY A 78 -31.47 -1.55 -46.66
C GLY A 78 -32.42 -2.59 -47.19
N MET A 79 -32.97 -3.42 -46.29
CA MET A 79 -34.01 -4.36 -46.68
C MET A 79 -35.18 -3.63 -47.30
N MET A 80 -35.62 -2.54 -46.66
CA MET A 80 -36.74 -1.77 -47.19
C MET A 80 -36.43 -1.23 -48.58
N ALA A 81 -35.20 -0.77 -48.80
CA ALA A 81 -34.87 -0.21 -50.11
C ALA A 81 -34.82 -1.29 -51.18
N ILE A 82 -34.23 -2.46 -50.88
CA ILE A 82 -34.24 -3.56 -51.85
C ILE A 82 -35.66 -3.97 -52.18
N ILE A 83 -36.52 -4.08 -51.16
CA ILE A 83 -37.90 -4.46 -51.39
C ILE A 83 -38.61 -3.40 -52.23
N ARG A 84 -38.30 -2.13 -52.02
CA ARG A 84 -38.89 -1.10 -52.87
C ARG A 84 -38.43 -1.26 -54.33
N ALA A 85 -37.18 -1.68 -54.53
CA ALA A 85 -36.71 -1.89 -55.90
C ALA A 85 -37.48 -3.02 -56.58
N ILE A 86 -37.84 -4.06 -55.83
CA ILE A 86 -38.67 -5.13 -56.40
C ILE A 86 -40.10 -4.65 -56.60
N ALA A 87 -40.72 -4.10 -55.55
CA ALA A 87 -42.15 -3.79 -55.55
C ALA A 87 -42.46 -2.57 -56.41
N GLN A 88 -41.55 -1.61 -56.48
CA GLN A 88 -41.69 -0.47 -57.39
C GLN A 88 -43.00 0.31 -57.25
N PRO A 89 -43.20 1.01 -56.13
CA PRO A 89 -44.39 1.87 -56.00
C PRO A 89 -44.37 3.01 -57.01
N ASP A 90 -45.57 3.38 -57.46
CA ASP A 90 -45.73 4.49 -58.40
C ASP A 90 -46.01 5.80 -57.67
N SER A 91 -45.12 6.14 -56.74
CA SER A 91 -45.24 7.39 -56.02
C SER A 91 -43.88 7.77 -55.46
N PHE A 92 -43.75 9.05 -55.11
CA PHE A 92 -42.56 9.58 -54.48
C PHE A 92 -42.29 8.92 -53.12
N ASN B 2 -11.87 22.06 12.43
CA ASN B 2 -12.49 23.37 12.47
C ASN B 2 -13.92 23.39 12.09
N GLN B 3 -14.29 22.57 11.13
CA GLN B 3 -15.63 22.65 10.58
C GLN B 3 -16.79 22.41 11.49
N HIS B 4 -16.66 21.48 12.43
CA HIS B 4 -17.79 21.17 13.28
C HIS B 4 -18.24 22.33 14.11
N LYS B 5 -17.32 23.17 14.53
CA LYS B 5 -17.67 24.35 15.28
C LYS B 5 -18.49 25.25 14.45
N LYS B 6 -18.16 25.34 13.17
CA LYS B 6 -18.94 26.12 12.24
C LYS B 6 -20.37 25.60 12.00
N ILE B 7 -20.56 24.28 12.01
CA ILE B 7 -21.89 23.71 11.81
C ILE B 7 -22.79 23.72 13.05
N LYS B 8 -24.01 24.21 12.90
CA LYS B 8 -24.93 24.35 14.02
C LYS B 8 -25.31 23.06 14.66
N GLY B 9 -25.31 23.00 15.98
CA GLY B 9 -25.70 21.83 16.72
C GLY B 9 -24.63 20.81 16.90
N TYR B 10 -23.50 21.01 16.26
CA TYR B 10 -22.51 20.02 16.36
C TYR B 10 -21.77 20.32 17.64
N ARG B 11 -21.33 19.29 18.32
CA ARG B 11 -20.65 19.46 19.59
C ARG B 11 -19.33 18.68 19.53
N ASP B 12 -18.45 18.97 20.48
CA ASP B 12 -17.18 18.26 20.51
C ASP B 12 -17.46 16.81 20.86
N LEU B 13 -16.65 15.91 20.32
CA LEU B 13 -16.89 14.49 20.46
C LEU B 13 -15.69 13.84 21.12
N SER B 14 -15.95 12.88 22.00
CA SER B 14 -14.89 12.13 22.63
C SER B 14 -14.37 11.06 21.67
N GLN B 15 -13.18 10.56 21.97
CA GLN B 15 -12.64 9.47 21.17
C GLN B 15 -13.53 8.24 21.22
N GLU B 16 -14.14 7.96 22.38
CA GLU B 16 -15.04 6.82 22.49
C GLU B 16 -16.24 6.97 21.54
N GLU B 17 -16.85 8.15 21.53
CA GLU B 17 -17.96 8.42 20.62
C GLU B 17 -17.52 8.24 19.16
N ILE B 18 -16.36 8.81 18.81
CA ILE B 18 -15.89 8.73 17.44
C ILE B 18 -15.64 7.28 17.04
N ASP B 19 -15.10 6.49 17.98
CA ASP B 19 -14.86 5.08 17.70
C ASP B 19 -16.16 4.33 17.47
N MET B 20 -17.20 4.63 18.26
CA MET B 20 -18.49 3.97 18.04
C MET B 20 -19.08 4.36 16.69
N MET B 21 -19.02 5.64 16.34
CA MET B 21 -19.46 6.09 15.02
C MET B 21 -18.73 5.34 13.90
N ASN B 22 -17.41 5.22 14.01
CA ASN B 22 -16.66 4.54 12.97
C ASN B 22 -16.98 3.05 12.92
N ARG B 23 -17.26 2.45 14.08
CA ARG B 23 -17.68 1.04 14.13
C ARG B 23 -18.95 0.84 13.32
N VAL B 24 -19.91 1.75 13.47
CA VAL B 24 -21.12 1.70 12.65
C VAL B 24 -20.77 1.81 11.17
N LYS B 25 -19.92 2.77 10.82
CA LYS B 25 -19.55 2.94 9.40
C LYS B 25 -18.89 1.68 8.83
N GLU B 26 -18.12 0.97 9.66
CA GLU B 26 -17.44 -0.23 9.15
C GLU B 26 -18.45 -1.36 8.89
N LEU B 27 -19.36 -1.58 9.86
CA LEU B 27 -20.45 -2.53 9.62
C LEU B 27 -21.23 -2.17 8.37
N GLY B 28 -21.43 -0.88 8.15
CA GLY B 28 -22.08 -0.44 6.94
C GLY B 28 -21.31 -0.87 5.70
N SER B 29 -19.98 -0.73 5.73
CA SER B 29 -19.16 -1.17 4.59
C SER B 29 -19.38 -2.65 4.31
N GLN B 30 -19.52 -3.45 5.37
CA GLN B 30 -19.81 -4.87 5.17
C GLN B 30 -21.16 -5.05 4.47
N PHE B 31 -22.15 -4.25 4.86
CA PHE B 31 -23.45 -4.32 4.15
C PHE B 31 -23.32 -3.88 2.69
N GLU B 32 -22.46 -2.89 2.42
CA GLU B 32 -22.24 -2.44 1.06
C GLU B 32 -21.71 -3.58 0.21
N LYS B 33 -20.74 -4.32 0.74
CA LYS B 33 -20.20 -5.42 -0.07
C LYS B 33 -21.26 -6.49 -0.28
N LEU B 34 -22.09 -6.75 0.74
CA LEU B 34 -23.15 -7.74 0.58
C LEU B 34 -24.14 -7.31 -0.50
N ILE B 35 -24.49 -6.03 -0.52
CA ILE B 35 -25.45 -5.55 -1.50
C ILE B 35 -24.85 -5.64 -2.90
N GLN B 36 -23.55 -5.44 -3.02
CA GLN B 36 -22.95 -5.53 -4.34
C GLN B 36 -22.88 -6.97 -4.83
N ASP B 37 -22.72 -7.92 -3.90
CA ASP B 37 -22.82 -9.33 -4.24
C ASP B 37 -24.21 -9.71 -4.69
N VAL B 38 -25.24 -9.18 -4.01
CA VAL B 38 -26.61 -9.50 -4.41
C VAL B 38 -26.93 -8.90 -5.77
N SER B 39 -26.42 -7.71 -6.05
CA SER B 39 -26.63 -7.12 -7.36
C SER B 39 -25.97 -7.98 -8.44
N ASP B 40 -24.75 -8.47 -8.18
CA ASP B 40 -24.11 -9.40 -9.10
C ASP B 40 -24.97 -10.66 -9.30
N HIS B 41 -25.60 -11.20 -8.28
CA HIS B 41 -26.49 -12.35 -8.43
C HIS B 41 -27.63 -12.08 -9.33
N LEU B 42 -28.23 -10.93 -9.17
CA LEU B 42 -29.36 -10.55 -9.98
C LEU B 42 -29.01 -10.40 -11.45
N ARG B 43 -27.87 -9.83 -11.75
CA ARG B 43 -27.44 -9.73 -13.13
C ARG B 43 -27.22 -11.09 -13.74
N GLY B 44 -26.62 -11.98 -12.99
CA GLY B 44 -26.42 -13.32 -13.47
C GLY B 44 -27.70 -14.04 -13.70
N GLN B 45 -28.66 -13.87 -12.79
CA GLN B 45 -29.93 -14.52 -12.92
C GLN B 45 -30.64 -14.05 -14.15
N TYR B 46 -30.62 -12.76 -14.38
CA TYR B 46 -31.30 -12.24 -15.53
C TYR B 46 -30.69 -12.73 -16.84
N ASN B 47 -29.37 -12.69 -16.93
CA ASN B 47 -28.71 -13.10 -18.15
C ASN B 47 -28.93 -14.57 -18.43
N ALA B 48 -28.90 -15.37 -17.37
CA ALA B 48 -29.16 -16.80 -17.52
C ALA B 48 -30.55 -17.07 -18.03
N SER B 49 -31.48 -16.21 -17.69
CA SER B 49 -32.85 -16.42 -18.06
C SER B 49 -33.29 -15.79 -19.34
N LEU B 50 -32.38 -15.19 -20.06
CA LEU B 50 -32.74 -14.63 -21.34
C LEU B 50 -33.27 -15.75 -22.17
N HIS B 51 -34.34 -15.47 -22.92
CA HIS B 51 -34.98 -16.48 -23.78
C HIS B 51 -35.93 -17.40 -23.05
N ASN B 52 -36.15 -17.17 -21.75
CA ASN B 52 -37.17 -17.91 -21.03
C ASN B 52 -38.08 -16.80 -20.66
N ARG B 53 -39.15 -16.68 -21.39
CA ARG B 53 -40.08 -15.59 -21.19
C ARG B 53 -40.71 -15.66 -19.83
N ASP B 54 -41.05 -16.86 -19.40
CA ASP B 54 -41.66 -17.01 -18.13
C ASP B 54 -40.76 -16.61 -16.99
N GLU B 55 -39.49 -16.99 -17.04
CA GLU B 55 -38.58 -16.53 -16.02
C GLU B 55 -38.33 -15.01 -16.03
N ILE B 56 -38.23 -14.41 -17.20
CA ILE B 56 -38.05 -12.97 -17.29
C ILE B 56 -39.26 -12.28 -16.73
N THR B 57 -40.43 -12.79 -17.02
CA THR B 57 -41.65 -12.23 -16.51
C THR B 57 -41.71 -12.35 -15.01
N ARG B 58 -41.28 -13.48 -14.50
CA ARG B 58 -41.26 -13.66 -13.07
C ARG B 58 -40.33 -12.64 -12.46
N ILE B 59 -39.15 -12.50 -13.02
CA ILE B 59 -38.17 -11.58 -12.45
C ILE B 59 -38.70 -10.15 -12.51
N ALA B 60 -39.27 -9.76 -13.65
CA ALA B 60 -39.81 -8.41 -13.74
C ALA B 60 -40.92 -8.19 -12.71
N ASN B 61 -41.74 -9.21 -12.45
CA ASN B 61 -42.82 -9.05 -11.49
C ASN B 61 -42.31 -9.01 -10.05
N ALA B 62 -41.22 -9.70 -9.76
CA ALA B 62 -40.67 -9.67 -8.41
C ALA B 62 -39.96 -8.35 -8.10
N GLU B 63 -39.49 -7.64 -9.13
CA GLU B 63 -38.80 -6.36 -8.98
C GLU B 63 -37.62 -6.41 -8.03
N PRO B 64 -36.72 -7.38 -8.13
CA PRO B 64 -35.68 -7.51 -7.10
C PRO B 64 -34.71 -6.34 -7.06
N GLY B 65 -34.42 -5.69 -8.19
CA GLY B 65 -33.51 -4.56 -8.16
C GLY B 65 -34.08 -3.41 -7.36
N ARG B 66 -35.37 -3.15 -7.52
CA ARG B 66 -36.07 -2.17 -6.71
C ARG B 66 -36.02 -2.52 -5.22
N TRP B 67 -36.26 -3.79 -4.87
CA TRP B 67 -36.25 -4.16 -3.46
C TRP B 67 -34.85 -4.04 -2.87
N LEU B 68 -33.84 -4.36 -3.67
CA LEU B 68 -32.46 -4.18 -3.23
C LEU B 68 -32.13 -2.71 -2.98
N ALA B 69 -32.61 -1.82 -3.85
CA ALA B 69 -32.38 -0.39 -3.62
C ALA B 69 -33.12 0.12 -2.38
N ILE B 70 -34.36 -0.34 -2.18
CA ILE B 70 -35.08 0.01 -0.95
C ILE B 70 -34.28 -0.41 0.27
N GLY B 71 -33.80 -1.65 0.26
CA GLY B 71 -33.05 -2.15 1.39
C GLY B 71 -31.78 -1.37 1.63
N LYS B 72 -31.07 -1.01 0.55
CA LYS B 72 -29.86 -0.23 0.71
C LYS B 72 -30.15 1.10 1.37
N THR B 73 -31.18 1.80 0.90
CA THR B 73 -31.52 3.08 1.51
C THR B 73 -31.86 2.90 3.00
N ASP B 74 -32.63 1.87 3.36
CA ASP B 74 -32.98 1.70 4.78
C ASP B 74 -31.74 1.42 5.62
N ILE B 75 -30.80 0.62 5.08
CA ILE B 75 -29.57 0.35 5.82
C ILE B 75 -28.81 1.65 6.09
N GLN B 76 -28.69 2.49 5.05
CA GLN B 76 -27.92 3.72 5.21
C GLN B 76 -28.60 4.70 6.18
N THR B 77 -29.91 4.88 6.05
CA THR B 77 -30.57 5.82 6.97
C THR B 77 -30.61 5.27 8.40
N GLY B 78 -30.68 3.95 8.56
CA GLY B 78 -30.56 3.41 9.91
C GLY B 78 -29.21 3.66 10.51
N MET B 79 -28.15 3.50 9.71
CA MET B 79 -26.81 3.86 10.16
C MET B 79 -26.77 5.31 10.60
N MET B 80 -27.35 6.20 9.79
CA MET B 80 -27.35 7.61 10.13
C MET B 80 -28.06 7.87 11.46
N ALA B 81 -29.16 7.16 11.72
CA ALA B 81 -29.89 7.37 12.96
C ALA B 81 -29.11 6.82 14.16
N ILE B 82 -28.50 5.63 14.03
CA ILE B 82 -27.67 5.11 15.12
C ILE B 82 -26.52 6.05 15.43
N ILE B 83 -25.84 6.54 14.38
CA ILE B 83 -24.74 7.47 14.58
C ILE B 83 -25.23 8.75 15.21
N ARG B 84 -26.44 9.20 14.86
CA ARG B 84 -26.98 10.39 15.53
C ARG B 84 -27.22 10.10 17.02
N ALA B 85 -27.64 8.88 17.35
CA ALA B 85 -27.81 8.56 18.76
C ALA B 85 -26.48 8.63 19.51
N ILE B 86 -25.38 8.24 18.86
CA ILE B 86 -24.08 8.37 19.52
C ILE B 86 -23.64 9.83 19.58
N ALA B 87 -23.64 10.50 18.43
CA ALA B 87 -23.05 11.84 18.29
C ALA B 87 -23.90 12.90 18.96
N GLN B 88 -25.23 12.74 18.98
CA GLN B 88 -26.13 13.62 19.71
C GLN B 88 -25.97 15.09 19.37
N PRO B 89 -26.29 15.51 18.14
CA PRO B 89 -26.29 16.94 17.83
C PRO B 89 -27.30 17.69 18.68
N ASP B 90 -26.97 18.94 18.96
CA ASP B 90 -27.84 19.82 19.74
C ASP B 90 -28.73 20.66 18.83
N SER B 91 -29.52 19.99 17.99
CA SER B 91 -30.43 20.72 17.11
C SER B 91 -31.57 19.82 16.71
N PHE B 92 -32.64 20.44 16.20
CA PHE B 92 -33.79 19.72 15.67
C PHE B 92 -33.39 18.90 14.44
N ASP C 1 -7.66 14.24 -18.73
CA ASP C 1 -6.47 14.81 -18.10
C ASP C 1 -5.20 14.07 -18.49
N ASN C 2 -4.84 14.09 -19.77
CA ASN C 2 -3.59 13.50 -20.20
C ASN C 2 -2.44 14.38 -19.72
N GLN C 3 -1.81 13.95 -18.63
CA GLN C 3 -0.77 14.73 -17.98
C GLN C 3 0.51 14.81 -18.80
N HIS C 4 0.73 13.87 -19.72
CA HIS C 4 2.00 13.81 -20.44
C HIS C 4 2.22 15.04 -21.31
N LYS C 5 1.14 15.67 -21.78
CA LYS C 5 1.25 16.91 -22.53
C LYS C 5 1.75 18.07 -21.68
N LYS C 6 1.62 17.98 -20.34
CA LYS C 6 2.14 19.01 -19.46
C LYS C 6 3.63 18.83 -19.13
N ILE C 7 4.23 17.68 -19.45
CA ILE C 7 5.64 17.42 -19.14
C ILE C 7 6.48 17.73 -20.36
N LYS C 8 7.55 18.50 -20.16
CA LYS C 8 8.37 18.92 -21.28
C LYS C 8 9.03 17.72 -21.95
N GLY C 9 9.00 17.70 -23.27
CA GLY C 9 9.65 16.67 -24.04
C GLY C 9 8.86 15.40 -24.24
N TYR C 10 7.84 15.15 -23.44
CA TYR C 10 7.08 13.91 -23.63
C TYR C 10 6.22 14.05 -24.87
N ARG C 11 6.15 12.99 -25.66
CA ARG C 11 5.45 13.01 -26.92
C ARG C 11 4.48 11.84 -26.92
N ASP C 12 3.56 11.85 -27.88
CA ASP C 12 2.59 10.78 -28.02
C ASP C 12 3.28 9.49 -28.43
N LEU C 13 2.75 8.37 -27.96
CA LEU C 13 3.36 7.06 -28.17
C LEU C 13 2.38 6.16 -28.90
N SER C 14 2.90 5.32 -29.79
CA SER C 14 2.05 4.32 -30.41
C SER C 14 1.84 3.15 -29.45
N GLN C 15 0.80 2.36 -29.73
CA GLN C 15 0.58 1.14 -28.97
C GLN C 15 1.77 0.19 -29.08
N GLU C 16 2.41 0.16 -30.26
CA GLU C 16 3.59 -0.69 -30.44
C GLU C 16 4.71 -0.28 -29.48
N GLU C 17 4.97 1.02 -29.39
CA GLU C 17 5.97 1.53 -28.47
C GLU C 17 5.62 1.20 -27.03
N ILE C 18 4.37 1.44 -26.65
CA ILE C 18 3.95 1.20 -25.28
C ILE C 18 4.07 -0.29 -24.93
N ASP C 19 3.76 -1.16 -25.90
CA ASP C 19 3.89 -2.59 -25.68
C ASP C 19 5.35 -2.95 -25.44
N MET C 20 6.26 -2.35 -26.20
CA MET C 20 7.68 -2.63 -25.97
C MET C 20 8.14 -2.14 -24.60
N MET C 21 7.74 -0.92 -24.23
CA MET C 21 8.09 -0.39 -22.91
C MET C 21 7.62 -1.33 -21.80
N ASN C 22 6.38 -1.82 -21.91
CA ASN C 22 5.87 -2.76 -20.92
C ASN C 22 6.59 -4.10 -20.97
N ARG C 23 7.04 -4.54 -22.15
CA ARG C 23 7.88 -5.74 -22.22
C ARG C 23 9.11 -5.57 -21.36
N VAL C 24 9.75 -4.39 -21.45
CA VAL C 24 10.93 -4.12 -20.63
C VAL C 24 10.57 -4.21 -19.16
N LYS C 25 9.47 -3.56 -18.78
CA LYS C 25 9.05 -3.57 -17.38
C LYS C 25 8.75 -4.98 -16.87
N GLU C 26 8.23 -5.85 -17.73
CA GLU C 26 7.91 -7.20 -17.27
C GLU C 26 9.20 -8.02 -17.05
N LEU C 27 10.13 -7.95 -18.01
CA LEU C 27 11.43 -8.55 -17.74
C LEU C 27 12.02 -7.99 -16.44
N GLY C 28 11.77 -6.71 -16.17
CA GLY C 28 12.18 -6.13 -14.90
C GLY C 28 11.54 -6.78 -13.70
N SER C 29 10.25 -7.10 -13.81
CA SER C 29 9.57 -7.81 -12.73
C SER C 29 10.25 -9.16 -12.46
N GLN C 30 10.64 -9.85 -13.52
CA GLN C 30 11.34 -11.11 -13.32
C GLN C 30 12.68 -10.90 -12.63
N PHE C 31 13.41 -9.84 -13.00
CA PHE C 31 14.65 -9.56 -12.30
C PHE C 31 14.39 -9.18 -10.84
N GLU C 32 13.30 -8.51 -10.53
CA GLU C 32 13.01 -8.11 -9.16
C GLU C 32 12.89 -9.33 -8.29
N LYS C 33 12.15 -10.30 -8.75
CA LYS C 33 11.97 -11.51 -8.01
C LYS C 33 13.25 -12.28 -7.83
N LEU C 34 14.09 -12.31 -8.84
CA LEU C 34 15.37 -12.98 -8.72
C LEU C 34 16.20 -12.37 -7.61
N ILE C 35 16.22 -11.05 -7.55
CA ILE C 35 16.98 -10.35 -6.54
C ILE C 35 16.48 -10.67 -5.14
N GLN C 36 15.18 -10.71 -4.96
CA GLN C 36 14.59 -11.04 -3.68
C GLN C 36 14.96 -12.41 -3.27
N ASP C 37 14.98 -13.32 -4.22
CA ASP C 37 15.42 -14.67 -3.93
C ASP C 37 16.87 -14.70 -3.49
N VAL C 38 17.73 -13.95 -4.17
CA VAL C 38 19.13 -13.89 -3.76
C VAL C 38 19.26 -13.25 -2.38
N SER C 39 18.47 -12.23 -2.10
CA SER C 39 18.52 -11.60 -0.79
C SER C 39 18.12 -12.61 0.28
N ASP C 40 17.13 -13.41 -0.02
CA ASP C 40 16.70 -14.43 0.91
C ASP C 40 17.81 -15.44 1.12
N HIS C 41 18.54 -15.76 0.06
CA HIS C 41 19.64 -16.69 0.18
C HIS C 41 20.68 -16.17 1.09
N LEU C 42 21.03 -14.90 0.93
CA LEU C 42 22.08 -14.32 1.73
C LEU C 42 21.74 -14.25 3.21
N ARG C 43 20.52 -13.88 3.52
CA ARG C 43 20.08 -13.80 4.90
C ARG C 43 20.09 -15.17 5.54
N GLY C 44 19.66 -16.17 4.82
CA GLY C 44 19.74 -17.52 5.31
C GLY C 44 21.17 -17.96 5.49
N GLN C 45 22.04 -17.61 4.56
CA GLN C 45 23.44 -17.98 4.66
C GLN C 45 24.07 -17.36 5.88
N TYR C 46 23.76 -16.10 6.13
CA TYR C 46 24.32 -15.41 7.27
C TYR C 46 23.85 -16.02 8.55
N ASN C 47 22.56 -16.29 8.61
CA ASN C 47 21.99 -16.84 9.81
C ASN C 47 22.55 -18.22 10.10
N ALA C 48 22.65 -19.05 9.08
CA ALA C 48 23.16 -20.37 9.28
C ALA C 48 24.58 -20.33 9.73
N SER C 49 25.35 -19.40 9.21
CA SER C 49 26.75 -19.31 9.55
C SER C 49 27.02 -18.54 10.82
N LEU C 50 25.99 -18.03 11.47
CA LEU C 50 26.19 -17.22 12.66
C LEU C 50 26.91 -18.08 13.67
N HIS C 51 27.87 -17.51 14.36
CA HIS C 51 28.71 -18.25 15.31
C HIS C 51 29.85 -18.97 14.69
N ASN C 52 29.96 -18.97 13.36
CA ASN C 52 31.14 -19.51 12.73
C ASN C 52 31.81 -18.22 12.36
N ARG C 53 32.85 -17.86 13.08
CA ARG C 53 33.48 -16.61 12.86
C ARG C 53 34.09 -16.46 11.50
N ASP C 54 34.74 -17.52 11.04
CA ASP C 54 35.43 -17.45 9.78
C ASP C 54 34.48 -17.23 8.65
N GLU C 55 33.34 -17.90 8.69
CA GLU C 55 32.34 -17.68 7.68
C GLU C 55 31.75 -16.30 7.68
N ILE C 56 31.46 -15.76 8.85
CA ILE C 56 30.89 -14.45 8.96
C ILE C 56 31.86 -13.43 8.45
N THR C 57 33.13 -13.62 8.78
CA THR C 57 34.17 -12.71 8.31
C THR C 57 34.28 -12.75 6.79
N ARG C 58 34.20 -13.93 6.20
CA ARG C 58 34.25 -14.05 4.74
C ARG C 58 33.08 -13.37 4.09
N ILE C 59 31.91 -13.54 4.65
CA ILE C 59 30.74 -12.90 4.12
C ILE C 59 30.89 -11.41 4.20
N ALA C 60 31.37 -10.91 5.32
CA ALA C 60 31.49 -9.50 5.47
C ALA C 60 32.47 -8.93 4.48
N ASN C 61 33.53 -9.66 4.22
CA ASN C 61 34.51 -9.19 3.30
C ASN C 61 34.03 -9.28 1.87
N ALA C 62 33.22 -10.28 1.56
CA ALA C 62 32.66 -10.38 0.21
C ALA C 62 31.64 -9.29 -0.07
N GLU C 63 31.01 -8.76 0.96
CA GLU C 63 30.02 -7.70 0.85
C GLU C 63 28.86 -8.02 -0.10
N PRO C 64 28.28 -9.22 -0.02
CA PRO C 64 27.28 -9.61 -1.04
C PRO C 64 26.03 -8.76 -1.04
N GLY C 65 25.59 -8.23 0.11
CA GLY C 65 24.39 -7.39 0.11
C GLY C 65 24.61 -6.09 -0.65
N ARG C 66 25.78 -5.48 -0.46
CA ARG C 66 26.15 -4.28 -1.22
C ARG C 66 26.21 -4.59 -2.72
N TRP C 67 26.80 -5.73 -3.10
CA TRP C 67 26.90 -6.07 -4.51
C TRP C 67 25.54 -6.31 -5.12
N LEU C 68 24.63 -6.91 -4.35
CA LEU C 68 23.27 -7.09 -4.84
C LEU C 68 22.57 -5.74 -5.03
N ALA C 69 22.81 -4.79 -4.13
CA ALA C 69 22.22 -3.46 -4.30
C ALA C 69 22.78 -2.76 -5.54
N ILE C 70 24.09 -2.91 -5.78
CA ILE C 70 24.72 -2.37 -7.00
C ILE C 70 24.06 -2.98 -8.24
N GLY C 71 23.89 -4.30 -8.23
CA GLY C 71 23.27 -4.96 -9.37
C GLY C 71 21.84 -4.52 -9.61
N LYS C 72 21.08 -4.35 -8.53
CA LYS C 72 19.70 -3.87 -8.66
C LYS C 72 19.66 -2.49 -9.29
N THR C 73 20.50 -1.57 -8.82
CA THR C 73 20.51 -0.24 -9.41
C THR C 73 20.87 -0.29 -10.90
N ASP C 74 21.87 -1.09 -11.26
CA ASP C 74 22.25 -1.18 -12.67
C ASP C 74 21.11 -1.75 -13.50
N ILE C 75 20.41 -2.77 -12.99
CA ILE C 75 19.29 -3.32 -13.75
C ILE C 75 18.22 -2.26 -13.97
N GLN C 76 17.89 -1.50 -12.92
CA GLN C 76 16.82 -0.52 -13.08
C GLN C 76 17.22 0.61 -14.02
N THR C 77 18.45 1.10 -13.91
CA THR C 77 18.87 2.18 -14.80
C THR C 77 18.99 1.71 -16.23
N GLY C 78 19.40 0.46 -16.43
CA GLY C 78 19.41 -0.09 -17.77
C GLY C 78 18.02 -0.19 -18.37
N MET C 79 17.05 -0.64 -17.56
CA MET C 79 15.67 -0.64 -18.02
C MET C 79 15.24 0.76 -18.43
N MET C 80 15.57 1.75 -17.60
CA MET C 80 15.18 3.12 -17.93
C MET C 80 15.82 3.57 -19.24
N ALA C 81 17.08 3.19 -19.49
CA ALA C 81 17.73 3.64 -20.72
C ALA C 81 17.10 2.98 -21.94
N ILE C 82 16.80 1.68 -21.85
CA ILE C 82 16.14 0.98 -22.96
C ILE C 82 14.77 1.58 -23.23
N ILE C 83 14.01 1.84 -22.18
CA ILE C 83 12.70 2.45 -22.35
C ILE C 83 12.83 3.84 -22.96
N ARG C 84 13.91 4.57 -22.63
CA ARG C 84 14.13 5.85 -23.31
C ARG C 84 14.44 5.64 -24.80
N ALA C 85 15.15 4.56 -25.14
CA ALA C 85 15.42 4.30 -26.56
C ALA C 85 14.14 4.05 -27.34
N ILE C 86 13.17 3.40 -26.70
CA ILE C 86 11.87 3.21 -27.34
C ILE C 86 11.05 4.50 -27.33
N ALA C 87 10.91 5.15 -26.17
CA ALA C 87 9.96 6.24 -26.00
C ALA C 87 10.44 7.54 -26.65
N GLN C 88 11.74 7.81 -26.61
CA GLN C 88 12.37 8.95 -27.29
C GLN C 88 11.77 10.29 -26.93
N PRO C 89 11.89 10.74 -25.67
CA PRO C 89 11.42 12.08 -25.33
C PRO C 89 12.20 13.14 -26.08
N ASP C 90 11.52 14.24 -26.41
CA ASP C 90 12.10 15.33 -27.20
C ASP C 90 12.71 16.40 -26.29
N SER C 91 13.68 15.97 -25.48
CA SER C 91 14.39 16.90 -24.62
C SER C 91 15.72 16.28 -24.21
N PHE C 92 16.62 17.13 -23.73
CA PHE C 92 17.92 16.70 -23.25
C PHE C 92 17.78 15.71 -22.08
N ASP D 1 -5.71 10.47 -25.18
CA ASP D 1 -5.18 9.13 -25.15
C ASP D 1 -4.95 8.70 -23.72
N ASN D 2 -4.51 9.61 -22.86
CA ASN D 2 -4.17 9.25 -21.49
C ASN D 2 -3.23 8.06 -21.51
N GLN D 3 -2.13 8.20 -22.25
CA GLN D 3 -1.18 7.11 -22.43
C GLN D 3 -0.48 6.59 -21.20
N HIS D 4 -0.35 7.42 -20.19
CA HIS D 4 0.33 7.03 -18.99
C HIS D 4 -0.35 5.86 -18.36
N LYS D 5 -1.66 5.82 -18.45
CA LYS D 5 -2.42 4.74 -17.85
C LYS D 5 -2.05 3.42 -18.45
N LYS D 6 -1.77 3.38 -19.74
CA LYS D 6 -1.29 2.15 -20.35
C LYS D 6 0.08 1.68 -19.83
N ILE D 7 0.96 2.60 -19.53
CA ILE D 7 2.28 2.22 -19.08
C ILE D 7 2.28 1.74 -17.64
N LYS D 8 2.88 0.58 -17.41
CA LYS D 8 2.87 -0.02 -16.09
C LYS D 8 3.56 0.79 -15.04
N GLY D 9 2.93 0.96 -13.90
CA GLY D 9 3.53 1.65 -12.79
C GLY D 9 3.35 3.13 -12.82
N TYR D 10 2.86 3.64 -13.91
CA TYR D 10 2.75 5.07 -14.02
C TYR D 10 1.58 5.54 -13.20
N ARG D 11 1.77 6.63 -12.48
CA ARG D 11 0.74 7.11 -11.59
C ARG D 11 0.23 8.44 -12.11
N ASP D 12 -0.96 8.82 -11.68
CA ASP D 12 -1.41 10.15 -12.00
C ASP D 12 -0.58 11.10 -11.16
N LEU D 13 -0.25 12.25 -11.72
CA LEU D 13 0.68 13.13 -11.05
C LEU D 13 0.00 14.46 -10.80
N SER D 14 0.32 15.08 -9.69
CA SER D 14 -0.21 16.39 -9.40
C SER D 14 0.53 17.44 -10.24
N GLN D 15 -0.09 18.61 -10.37
CA GLN D 15 0.57 19.72 -11.05
C GLN D 15 1.87 20.09 -10.34
N GLU D 16 1.90 19.97 -9.01
CA GLU D 16 3.12 20.26 -8.26
C GLU D 16 4.26 19.33 -8.68
N GLU D 17 3.97 18.03 -8.77
CA GLU D 17 4.96 17.07 -9.24
C GLU D 17 5.42 17.38 -10.66
N ILE D 18 4.46 17.70 -11.54
CA ILE D 18 4.77 17.97 -12.94
C ILE D 18 5.68 19.19 -13.05
N ASP D 19 5.42 20.21 -12.23
CA ASP D 19 6.27 21.40 -12.22
C ASP D 19 7.67 21.07 -11.75
N MET D 20 7.81 20.19 -10.75
CA MET D 20 9.16 19.82 -10.33
C MET D 20 9.91 19.08 -11.44
N MET D 21 9.24 18.13 -12.10
CA MET D 21 9.85 17.44 -13.22
C MET D 21 10.30 18.41 -14.31
N ASN D 22 9.45 19.38 -14.65
CA ASN D 22 9.80 20.33 -15.70
C ASN D 22 10.95 21.26 -15.29
N ARG D 23 11.03 21.62 -14.01
CA ARG D 23 12.17 22.38 -13.50
C ARG D 23 13.47 21.61 -13.71
N VAL D 24 13.44 20.30 -13.45
CA VAL D 24 14.59 19.48 -13.75
C VAL D 24 14.94 19.59 -15.24
N LYS D 25 13.91 19.55 -16.08
CA LYS D 25 14.15 19.66 -17.52
C LYS D 25 14.79 20.99 -17.92
N GLU D 26 14.51 22.09 -17.24
CA GLU D 26 15.28 23.30 -17.62
C GLU D 26 16.75 23.17 -17.21
N LEU D 27 16.98 22.75 -15.97
CA LEU D 27 18.38 22.61 -15.59
C LEU D 27 19.11 21.73 -16.61
N GLY D 28 18.44 20.69 -17.13
CA GLY D 28 19.00 19.91 -18.22
C GLY D 28 19.22 20.71 -19.49
N SER D 29 18.25 21.54 -19.88
CA SER D 29 18.43 22.35 -21.10
C SER D 29 19.62 23.29 -20.97
N GLN D 30 19.85 23.85 -19.80
CA GLN D 30 20.98 24.71 -19.59
C GLN D 30 22.26 23.94 -19.71
N PHE D 31 22.27 22.72 -19.22
CA PHE D 31 23.44 21.86 -19.37
C PHE D 31 23.74 21.53 -20.82
N GLU D 32 22.71 21.28 -21.63
CA GLU D 32 22.89 21.01 -23.04
C GLU D 32 23.66 22.15 -23.69
N LYS D 33 23.28 23.36 -23.34
CA LYS D 33 23.97 24.53 -23.86
C LYS D 33 25.39 24.63 -23.41
N LEU D 34 25.66 24.35 -22.15
CA LEU D 34 27.01 24.41 -21.64
C LEU D 34 27.86 23.37 -22.37
N ILE D 35 27.31 22.20 -22.59
CA ILE D 35 28.05 21.15 -23.23
C ILE D 35 28.36 21.53 -24.66
N GLN D 36 27.39 22.12 -25.33
CA GLN D 36 27.58 22.54 -26.69
C GLN D 36 28.64 23.59 -26.73
N ASP D 37 28.64 24.48 -25.76
CA ASP D 37 29.69 25.47 -25.70
C ASP D 37 31.06 24.86 -25.48
N VAL D 38 31.18 23.85 -24.62
CA VAL D 38 32.44 23.15 -24.46
C VAL D 38 32.85 22.42 -25.74
N SER D 39 31.90 21.83 -26.44
CA SER D 39 32.20 21.17 -27.70
C SER D 39 32.74 22.18 -28.69
N ASP D 40 32.18 23.36 -28.72
CA ASP D 40 32.67 24.42 -29.58
C ASP D 40 34.08 24.83 -29.19
N HIS D 41 34.36 24.91 -27.90
CA HIS D 41 35.67 25.23 -27.45
C HIS D 41 36.63 24.21 -27.88
N LEU D 42 36.23 22.97 -27.84
CA LEU D 42 37.08 21.89 -28.25
C LEU D 42 37.34 21.94 -29.74
N ARG D 43 36.35 22.17 -30.55
CA ARG D 43 36.63 22.18 -31.94
C ARG D 43 37.64 23.28 -32.28
N GLY D 44 37.50 24.45 -31.67
CA GLY D 44 38.46 25.52 -31.86
C GLY D 44 39.85 25.24 -31.36
N GLN D 45 39.96 24.64 -30.20
CA GLN D 45 41.25 24.30 -29.67
C GLN D 45 41.96 23.32 -30.58
N TYR D 46 41.24 22.34 -31.07
CA TYR D 46 41.84 21.39 -31.97
C TYR D 46 42.30 22.03 -33.25
N ASN D 47 41.47 22.88 -33.83
CA ASN D 47 41.81 23.45 -35.11
C ASN D 47 43.02 24.33 -35.05
N ALA D 48 43.12 25.12 -34.01
CA ALA D 48 44.30 25.94 -33.83
C ALA D 48 45.54 25.09 -33.63
N SER D 49 45.41 24.00 -32.92
CA SER D 49 46.54 23.14 -32.63
C SER D 49 47.03 22.31 -33.76
N LEU D 50 46.29 22.28 -34.84
CA LEU D 50 46.66 21.49 -35.97
C LEU D 50 48.03 21.97 -36.41
N HIS D 51 48.92 21.03 -36.71
CA HIS D 51 50.30 21.32 -37.11
C HIS D 51 51.21 21.62 -35.97
N ASN D 52 50.74 21.48 -34.74
CA ASN D 52 51.59 21.62 -33.60
C ASN D 52 51.40 20.24 -33.11
N ARG D 53 52.31 19.37 -33.48
CA ARG D 53 52.14 17.97 -33.17
C ARG D 53 52.14 17.66 -31.68
N ASP D 54 52.98 18.33 -30.92
CA ASP D 54 52.99 18.12 -29.51
C ASP D 54 51.67 18.51 -28.86
N GLU D 55 51.07 19.62 -29.28
CA GLU D 55 49.75 19.95 -28.77
C GLU D 55 48.66 18.98 -29.19
N ILE D 56 48.69 18.54 -30.44
CA ILE D 56 47.70 17.59 -30.91
C ILE D 56 47.83 16.29 -30.14
N THR D 57 49.05 15.87 -29.85
CA THR D 57 49.26 14.66 -29.09
C THR D 57 48.68 14.82 -27.69
N ARG D 58 48.86 15.97 -27.08
CA ARG D 58 48.31 16.23 -25.76
C ARG D 58 46.79 16.20 -25.74
N ILE D 59 46.17 16.78 -26.73
CA ILE D 59 44.73 16.75 -26.80
C ILE D 59 44.29 15.30 -26.94
N ALA D 60 44.99 14.54 -27.77
CA ALA D 60 44.59 13.17 -27.99
C ALA D 60 44.68 12.32 -26.76
N ASN D 61 45.71 12.51 -25.99
CA ASN D 61 45.89 11.75 -24.77
C ASN D 61 44.91 12.19 -23.71
N ALA D 62 44.51 13.45 -23.73
CA ALA D 62 43.50 13.93 -22.81
C ALA D 62 42.11 13.36 -23.07
N GLU D 63 41.82 12.98 -24.30
CA GLU D 63 40.51 12.47 -24.67
C GLU D 63 39.35 13.43 -24.25
N PRO D 64 39.43 14.76 -24.58
CA PRO D 64 38.37 15.64 -24.05
C PRO D 64 37.00 15.33 -24.63
N GLY D 65 36.91 14.84 -25.85
CA GLY D 65 35.62 14.58 -26.42
C GLY D 65 34.97 13.43 -25.72
N ARG D 66 35.76 12.46 -25.34
CA ARG D 66 35.26 11.33 -24.61
C ARG D 66 34.73 11.73 -23.25
N TRP D 67 35.44 12.62 -22.58
CA TRP D 67 35.01 13.09 -21.30
C TRP D 67 33.78 13.94 -21.37
N LEU D 68 33.65 14.76 -22.40
CA LEU D 68 32.40 15.48 -22.59
C LEU D 68 31.23 14.53 -22.78
N ALA D 69 31.43 13.46 -23.56
CA ALA D 69 30.34 12.50 -23.76
C ALA D 69 29.98 11.77 -22.47
N ILE D 70 30.99 11.36 -21.71
CA ILE D 70 30.74 10.74 -20.41
C ILE D 70 29.94 11.66 -19.52
N GLY D 71 30.36 12.94 -19.45
CA GLY D 71 29.67 13.89 -18.60
C GLY D 71 28.23 14.10 -19.02
N LYS D 72 27.98 14.18 -20.33
CA LYS D 72 26.62 14.34 -20.81
C LYS D 72 25.75 13.17 -20.38
N THR D 73 26.26 11.94 -20.55
CA THR D 73 25.49 10.78 -20.12
C THR D 73 25.18 10.83 -18.63
N ASP D 74 26.16 11.17 -17.80
CA ASP D 74 25.90 11.22 -16.36
C ASP D 74 24.88 12.30 -16.00
N ILE D 75 24.96 13.47 -16.66
CA ILE D 75 23.98 14.53 -16.42
C ILE D 75 22.59 14.03 -16.75
N GLN D 76 22.45 13.38 -17.90
CA GLN D 76 21.12 12.94 -18.34
C GLN D 76 20.55 11.85 -17.42
N THR D 77 21.36 10.86 -17.05
CA THR D 77 20.84 9.80 -16.17
C THR D 77 20.56 10.31 -14.76
N GLY D 78 21.33 11.28 -14.27
CA GLY D 78 21.00 11.90 -13.01
C GLY D 78 19.68 12.63 -13.06
N MET D 79 19.44 13.35 -14.17
CA MET D 79 18.13 13.97 -14.35
C MET D 79 17.03 12.92 -14.31
N MET D 80 17.22 11.80 -15.02
CA MET D 80 16.20 10.77 -15.01
C MET D 80 15.96 10.21 -13.61
N ALA D 81 17.01 10.08 -12.81
CA ALA D 81 16.84 9.53 -11.47
C ALA D 81 16.11 10.53 -10.57
N ILE D 82 16.46 11.81 -10.65
CA ILE D 82 15.75 12.83 -9.87
C ILE D 82 14.27 12.86 -10.26
N ILE D 83 14.00 12.80 -11.56
CA ILE D 83 12.62 12.80 -12.00
C ILE D 83 11.90 11.56 -11.51
N ARG D 84 12.60 10.42 -11.45
CA ARG D 84 11.96 9.22 -10.92
C ARG D 84 11.65 9.37 -9.43
N ALA D 85 12.52 10.07 -8.70
CA ALA D 85 12.27 10.32 -7.29
C ALA D 85 11.02 11.19 -7.11
N ILE D 86 10.80 12.13 -8.02
CA ILE D 86 9.58 12.94 -7.95
C ILE D 86 8.37 12.13 -8.39
N ALA D 87 8.44 11.50 -9.55
CA ALA D 87 7.29 10.86 -10.18
C ALA D 87 6.88 9.57 -9.48
N GLN D 88 7.83 8.82 -8.94
CA GLN D 88 7.58 7.63 -8.13
C GLN D 88 6.73 6.58 -8.83
N PRO D 89 7.27 5.93 -9.87
CA PRO D 89 6.55 4.81 -10.49
C PRO D 89 6.38 3.65 -9.53
N ASP D 90 5.25 2.96 -9.68
CA ASP D 90 4.95 1.79 -8.85
C ASP D 90 5.37 0.49 -9.54
N SER D 91 6.65 0.42 -9.88
CA SER D 91 7.19 -0.81 -10.47
C SER D 91 8.71 -0.83 -10.29
N PHE D 92 9.29 -2.01 -10.50
CA PHE D 92 10.74 -2.18 -10.43
C PHE D 92 11.50 -1.31 -11.44
N ASN E 2 -4.83 -23.20 30.77
CA ASN E 2 -4.57 -24.11 29.68
C ASN E 2 -3.27 -23.70 29.09
N GLN E 3 -2.85 -22.48 29.37
CA GLN E 3 -1.60 -21.98 28.82
C GLN E 3 -0.74 -21.60 29.98
N HIS E 4 -1.37 -21.14 31.04
CA HIS E 4 -0.65 -20.75 32.21
C HIS E 4 0.07 -21.86 32.89
N LYS E 5 -0.53 -23.04 32.93
CA LYS E 5 0.07 -24.16 33.64
C LYS E 5 1.43 -24.54 33.10
N LYS E 6 1.61 -24.43 31.80
CA LYS E 6 2.89 -24.68 31.17
C LYS E 6 3.99 -23.78 31.72
N ILE E 7 3.64 -22.57 32.16
CA ILE E 7 4.61 -21.56 32.58
C ILE E 7 4.80 -21.59 34.08
N LYS E 8 6.07 -21.62 34.50
CA LYS E 8 6.39 -21.73 35.91
C LYS E 8 5.91 -20.53 36.72
N GLY E 9 5.35 -20.81 37.90
CA GLY E 9 4.97 -19.76 38.82
C GLY E 9 3.64 -19.11 38.52
N TYR E 10 3.10 -19.30 37.33
CA TYR E 10 1.84 -18.68 37.00
C TYR E 10 0.73 -19.40 37.76
N ARG E 11 -0.23 -18.63 38.25
CA ARG E 11 -1.28 -19.17 39.08
C ARG E 11 -2.63 -18.82 38.45
N ASP E 12 -3.66 -19.51 38.90
CA ASP E 12 -5.00 -19.23 38.41
C ASP E 12 -5.45 -17.87 38.92
N LEU E 13 -6.20 -17.15 38.08
CA LEU E 13 -6.61 -15.78 38.40
C LEU E 13 -8.12 -15.64 38.30
N SER E 14 -8.69 -14.78 39.17
CA SER E 14 -10.11 -14.44 39.18
C SER E 14 -10.45 -13.37 38.13
N GLN E 15 -11.74 -13.27 37.82
CA GLN E 15 -12.18 -12.16 36.97
C GLN E 15 -11.76 -10.82 37.53
N GLU E 16 -11.83 -10.67 38.84
CA GLU E 16 -11.46 -9.40 39.43
C GLU E 16 -10.01 -9.06 39.11
N GLU E 17 -9.10 -10.01 39.34
CA GLU E 17 -7.69 -9.78 39.05
C GLU E 17 -7.48 -9.49 37.57
N ILE E 18 -8.06 -10.33 36.70
CA ILE E 18 -7.86 -10.16 35.26
C ILE E 18 -8.51 -8.87 34.75
N ASP E 19 -9.63 -8.46 35.33
CA ASP E 19 -10.25 -7.19 34.98
C ASP E 19 -9.33 -6.03 35.35
N MET E 20 -8.68 -6.11 36.52
CA MET E 20 -7.74 -5.06 36.91
C MET E 20 -6.53 -5.03 35.99
N MET E 21 -5.99 -6.21 35.67
CA MET E 21 -4.88 -6.27 34.71
C MET E 21 -5.28 -5.62 33.40
N ASN E 22 -6.49 -5.91 32.92
CA ASN E 22 -6.95 -5.32 31.67
C ASN E 22 -7.14 -3.81 31.80
N ARG E 23 -7.55 -3.33 32.97
CA ARG E 23 -7.61 -1.87 33.18
C ARG E 23 -6.22 -1.25 32.97
N VAL E 24 -5.20 -1.90 33.53
CA VAL E 24 -3.84 -1.41 33.34
C VAL E 24 -3.50 -1.36 31.85
N LYS E 25 -3.86 -2.41 31.11
CA LYS E 25 -3.55 -2.45 29.69
C LYS E 25 -4.30 -1.41 28.90
N GLU E 26 -5.52 -1.12 29.30
CA GLU E 26 -6.28 -0.09 28.63
C GLU E 26 -5.68 1.28 28.79
N LEU E 27 -5.24 1.59 30.01
CA LEU E 27 -4.66 2.90 30.29
C LEU E 27 -3.39 3.02 29.49
N GLY E 28 -2.70 1.92 29.33
CA GLY E 28 -1.51 1.93 28.54
C GLY E 28 -1.77 2.30 27.10
N SER E 29 -2.83 1.81 26.53
CA SER E 29 -3.14 2.12 25.17
C SER E 29 -3.32 3.62 25.06
N GLN E 30 -3.92 4.24 26.05
CA GLN E 30 -4.04 5.67 26.04
C GLN E 30 -2.67 6.32 26.09
N PHE E 31 -1.76 5.77 26.86
CA PHE E 31 -0.40 6.29 26.85
C PHE E 31 0.30 6.14 25.50
N GLU E 32 0.07 5.02 24.84
CA GLU E 32 0.68 4.78 23.55
C GLU E 32 0.25 5.84 22.59
N LYS E 33 -1.03 6.17 22.63
CA LYS E 33 -1.53 7.18 21.74
C LYS E 33 -0.88 8.50 22.00
N LEU E 34 -0.69 8.86 23.26
CA LEU E 34 -0.09 10.14 23.59
C LEU E 34 1.33 10.19 23.06
N ILE E 35 2.06 9.11 23.20
CA ILE E 35 3.44 9.05 22.75
C ILE E 35 3.52 9.20 21.24
N GLN E 36 2.61 8.56 20.52
CA GLN E 36 2.57 8.66 19.07
C GLN E 36 2.29 10.05 18.68
N ASP E 37 1.38 10.70 19.37
CA ASP E 37 1.07 12.07 19.08
C ASP E 37 2.25 12.96 19.31
N VAL E 38 2.99 12.75 20.38
CA VAL E 38 4.20 13.51 20.61
C VAL E 38 5.23 13.21 19.55
N SER E 39 5.36 11.95 19.16
CA SER E 39 6.27 11.58 18.11
C SER E 39 5.92 12.32 16.84
N ASP E 40 4.63 12.30 16.50
CA ASP E 40 4.21 13.07 15.33
C ASP E 40 4.54 14.55 15.50
N HIS E 41 4.29 15.09 16.69
CA HIS E 41 4.62 16.48 16.95
C HIS E 41 6.13 16.73 16.83
N LEU E 42 6.94 15.80 17.34
CA LEU E 42 8.39 15.96 17.30
C LEU E 42 8.92 15.92 15.87
N ARG E 43 8.39 15.03 15.04
CA ARG E 43 8.86 14.99 13.65
C ARG E 43 8.38 16.21 12.89
N GLY E 44 7.14 16.64 13.11
CA GLY E 44 6.69 17.88 12.50
C GLY E 44 7.56 19.05 12.91
N GLN E 45 7.96 19.09 14.19
CA GLN E 45 8.83 20.16 14.66
C GLN E 45 10.20 20.10 13.99
N TYR E 46 10.72 18.90 13.77
CA TYR E 46 12.03 18.76 13.17
C TYR E 46 11.98 19.12 11.71
N ASN E 47 11.00 18.59 11.01
CA ASN E 47 10.83 18.91 9.60
C ASN E 47 10.55 20.38 9.32
N ALA E 48 9.76 21.02 10.16
CA ALA E 48 9.50 22.44 9.99
C ALA E 48 10.73 23.30 10.10
N SER E 49 11.64 22.93 10.97
CA SER E 49 12.83 23.72 11.19
C SER E 49 14.03 23.18 10.48
N LEU E 50 13.81 22.39 9.45
CA LEU E 50 14.93 21.95 8.67
C LEU E 50 15.64 23.16 8.11
N HIS E 51 16.98 23.15 8.10
CA HIS E 51 17.79 24.25 7.58
C HIS E 51 17.84 25.48 8.44
N ASN E 52 17.37 25.40 9.68
CA ASN E 52 17.52 26.50 10.61
C ASN E 52 18.50 25.81 11.47
N ARG E 53 19.76 26.15 11.31
CA ARG E 53 20.76 25.45 12.05
C ARG E 53 20.55 25.65 13.51
N ASP E 54 20.21 26.86 13.90
CA ASP E 54 20.09 27.12 15.32
C ASP E 54 19.01 26.28 15.94
N GLU E 55 17.87 26.17 15.27
CA GLU E 55 16.86 25.28 15.82
C GLU E 55 17.26 23.81 15.83
N ILE E 56 17.86 23.34 14.75
CA ILE E 56 18.21 21.93 14.66
C ILE E 56 19.22 21.60 15.73
N THR E 57 20.16 22.49 15.95
CA THR E 57 21.14 22.28 17.00
C THR E 57 20.48 22.21 18.38
N ARG E 58 19.48 23.05 18.63
CA ARG E 58 18.80 23.01 19.91
C ARG E 58 18.15 21.67 20.14
N ILE E 59 17.47 21.16 19.13
CA ILE E 59 16.78 19.90 19.23
C ILE E 59 17.79 18.80 19.45
N ALA E 60 18.91 18.87 18.77
CA ALA E 60 19.90 17.84 18.90
C ALA E 60 20.42 17.80 20.29
N ASN E 61 20.65 18.96 20.88
CA ASN E 61 21.08 19.03 22.25
C ASN E 61 20.03 18.51 23.19
N ALA E 62 18.77 18.79 22.91
CA ALA E 62 17.69 18.30 23.73
C ALA E 62 17.50 16.79 23.73
N GLU E 63 17.75 16.13 22.61
CA GLU E 63 17.52 14.68 22.48
C GLU E 63 16.04 14.32 22.72
N PRO E 64 15.06 14.99 22.01
CA PRO E 64 13.67 14.67 22.38
C PRO E 64 13.23 13.26 22.03
N GLY E 65 13.73 12.70 20.93
CA GLY E 65 13.33 11.35 20.56
C GLY E 65 13.86 10.31 21.55
N ARG E 66 15.10 10.48 21.98
CA ARG E 66 15.67 9.62 23.00
C ARG E 66 14.86 9.70 24.30
N TRP E 67 14.49 10.92 24.72
CA TRP E 67 13.75 11.05 25.97
C TRP E 67 12.36 10.45 25.87
N LEU E 68 11.72 10.59 24.70
CA LEU E 68 10.43 9.95 24.50
C LEU E 68 10.55 8.42 24.56
N ALA E 69 11.62 7.87 23.98
CA ALA E 69 11.83 6.42 24.06
C ALA E 69 12.04 5.97 25.51
N ILE E 70 12.82 6.73 26.27
CA ILE E 70 13.02 6.43 27.68
C ILE E 70 11.69 6.40 28.42
N GLY E 71 10.87 7.43 28.20
CA GLY E 71 9.57 7.50 28.86
C GLY E 71 8.67 6.33 28.49
N LYS E 72 8.65 5.96 27.21
CA LYS E 72 7.82 4.82 26.79
C LYS E 72 8.25 3.55 27.52
N THR E 73 9.57 3.31 27.57
CA THR E 73 10.03 2.12 28.27
C THR E 73 9.62 2.13 29.74
N ASP E 74 9.72 3.29 30.38
CA ASP E 74 9.35 3.36 31.80
C ASP E 74 7.85 3.07 31.97
N ILE E 75 7.01 3.62 31.07
CA ILE E 75 5.58 3.34 31.17
C ILE E 75 5.31 1.85 31.02
N GLN E 76 5.97 1.21 30.06
CA GLN E 76 5.68 -0.20 29.81
C GLN E 76 6.13 -1.07 30.98
N THR E 77 7.32 -0.83 31.52
CA THR E 77 7.78 -1.63 32.65
C THR E 77 6.98 -1.34 33.92
N GLY E 78 6.52 -0.10 34.12
CA GLY E 78 5.64 0.17 35.24
C GLY E 78 4.31 -0.57 35.13
N MET E 79 3.75 -0.61 33.91
CA MET E 79 2.56 -1.43 33.68
C MET E 79 2.84 -2.88 34.06
N MET E 80 3.98 -3.40 33.62
CA MET E 80 4.32 -4.79 33.93
C MET E 80 4.41 -5.01 35.44
N ALA E 81 4.96 -4.04 36.16
CA ALA E 81 5.12 -4.21 37.60
C ALA E 81 3.78 -4.20 38.31
N ILE E 82 2.89 -3.28 37.95
CA ILE E 82 1.56 -3.25 38.55
C ILE E 82 0.81 -4.55 38.26
N ILE E 83 0.93 -5.02 37.02
CA ILE E 83 0.27 -6.28 36.70
C ILE E 83 0.88 -7.41 37.51
N ARG E 84 2.18 -7.36 37.79
CA ARG E 84 2.79 -8.39 38.64
C ARG E 84 2.23 -8.34 40.05
N ALA E 85 1.99 -7.13 40.57
CA ALA E 85 1.40 -6.97 41.89
C ALA E 85 0.01 -7.56 41.95
N ILE E 86 -0.75 -7.41 40.87
CA ILE E 86 -2.09 -8.02 40.84
C ILE E 86 -1.99 -9.53 40.68
N ALA E 87 -1.21 -9.97 39.70
CA ALA E 87 -1.18 -11.38 39.31
C ALA E 87 -0.42 -12.25 40.31
N GLN E 88 0.63 -11.72 40.94
CA GLN E 88 1.36 -12.41 41.99
C GLN E 88 1.88 -13.79 41.58
N PRO E 89 2.84 -13.86 40.64
CA PRO E 89 3.46 -15.14 40.30
C PRO E 89 4.22 -15.73 41.47
N ASP E 90 4.24 -17.06 41.54
CA ASP E 90 4.90 -17.77 42.64
C ASP E 90 6.33 -18.21 42.30
N SER E 91 7.19 -17.30 41.85
CA SER E 91 8.62 -17.58 41.77
C SER E 91 9.36 -16.26 41.61
N PHE E 92 10.67 -16.33 41.80
CA PHE E 92 11.55 -15.18 41.66
C PHE E 92 11.56 -14.49 40.28
N ASN F 2 -6.85 -20.89 29.57
CA ASN F 2 -8.21 -20.42 29.55
C ASN F 2 -8.20 -18.97 29.95
N GLN F 3 -7.38 -18.62 30.94
CA GLN F 3 -7.45 -17.26 31.41
C GLN F 3 -6.78 -16.27 30.50
N HIS F 4 -5.73 -16.68 29.82
CA HIS F 4 -4.99 -15.74 29.01
C HIS F 4 -5.78 -15.18 27.89
N LYS F 5 -6.65 -15.98 27.31
CA LYS F 5 -7.49 -15.49 26.25
C LYS F 5 -8.30 -14.25 26.59
N LYS F 6 -8.57 -14.01 27.87
CA LYS F 6 -9.19 -12.71 28.18
C LYS F 6 -8.25 -11.74 28.90
N ILE F 7 -6.94 -11.91 28.71
CA ILE F 7 -5.95 -10.87 29.02
C ILE F 7 -5.49 -10.25 27.71
N LYS F 8 -5.62 -8.94 27.58
CA LYS F 8 -5.29 -8.26 26.34
C LYS F 8 -3.87 -8.38 25.89
N GLY F 9 -3.66 -8.82 24.66
CA GLY F 9 -2.33 -8.90 24.09
C GLY F 9 -1.73 -10.22 24.32
N TYR F 10 -2.35 -10.99 25.19
CA TYR F 10 -1.76 -12.27 25.52
C TYR F 10 -1.99 -13.20 24.36
N ARG F 11 -0.98 -13.95 23.96
CA ARG F 11 -1.11 -14.78 22.78
C ARG F 11 -0.83 -16.21 23.03
N ASP F 12 -1.33 -17.06 22.15
CA ASP F 12 -1.08 -18.47 22.27
C ASP F 12 0.36 -18.68 21.92
N LEU F 13 1.06 -19.53 22.67
CA LEU F 13 2.48 -19.70 22.48
C LEU F 13 2.96 -21.09 22.23
N SER F 14 4.04 -21.20 21.48
CA SER F 14 4.61 -22.49 21.18
C SER F 14 5.29 -23.06 22.38
N GLN F 15 5.45 -24.37 22.39
CA GLN F 15 6.15 -24.99 23.48
C GLN F 15 7.59 -24.59 23.54
N GLU F 16 8.20 -24.34 22.40
CA GLU F 16 9.58 -23.91 22.39
C GLU F 16 9.65 -22.57 23.07
N GLU F 17 8.66 -21.73 22.83
CA GLU F 17 8.60 -20.44 23.48
C GLU F 17 8.45 -20.63 24.99
N ILE F 18 7.60 -21.56 25.42
CA ILE F 18 7.40 -21.82 26.84
C ILE F 18 8.68 -22.29 27.45
N ASP F 19 9.40 -23.14 26.75
CA ASP F 19 10.61 -23.69 27.31
C ASP F 19 11.61 -22.61 27.57
N MET F 20 11.75 -21.70 26.63
CA MET F 20 12.66 -20.61 26.81
C MET F 20 12.26 -19.73 27.97
N MET F 21 10.97 -19.45 28.10
CA MET F 21 10.48 -18.64 29.20
C MET F 21 10.78 -19.31 30.51
N ASN F 22 10.56 -20.60 30.58
CA ASN F 22 10.85 -21.36 31.78
C ASN F 22 12.32 -21.40 32.10
N ARG F 23 13.15 -21.44 31.07
CA ARG F 23 14.57 -21.50 31.29
C ARG F 23 15.03 -20.29 32.05
N VAL F 24 14.53 -19.13 31.66
CA VAL F 24 14.95 -17.91 32.31
C VAL F 24 14.49 -17.88 33.74
N LYS F 25 13.24 -18.28 33.95
CA LYS F 25 12.70 -18.31 35.29
C LYS F 25 13.52 -19.24 36.15
N GLU F 26 13.96 -20.35 35.60
CA GLU F 26 14.82 -21.27 36.33
C GLU F 26 16.20 -20.73 36.68
N LEU F 27 16.82 -20.00 35.77
CA LEU F 27 18.10 -19.37 36.08
C LEU F 27 17.90 -18.34 37.18
N GLY F 28 16.75 -17.70 37.19
CA GLY F 28 16.43 -16.73 38.22
C GLY F 28 16.40 -17.35 39.58
N SER F 29 15.92 -18.57 39.66
CA SER F 29 15.89 -19.27 40.92
C SER F 29 17.29 -19.44 41.41
N GLN F 30 18.22 -19.69 40.52
CA GLN F 30 19.60 -19.78 40.93
C GLN F 30 20.09 -18.45 41.46
N PHE F 31 19.67 -17.37 40.82
CA PHE F 31 20.03 -16.05 41.32
C PHE F 31 19.40 -15.76 42.67
N GLU F 32 18.19 -16.25 42.90
CA GLU F 32 17.52 -16.02 44.15
C GLU F 32 18.36 -16.59 45.25
N LYS F 33 18.89 -17.78 45.03
CA LYS F 33 19.71 -18.41 46.02
C LYS F 33 20.96 -17.64 46.29
N LEU F 34 21.58 -17.11 45.24
CA LEU F 34 22.80 -16.37 45.41
C LEU F 34 22.54 -15.16 46.25
N ILE F 35 21.43 -14.48 45.98
CA ILE F 35 21.08 -13.31 46.75
C ILE F 35 20.83 -13.70 48.22
N GLN F 36 20.18 -14.83 48.46
CA GLN F 36 19.95 -15.31 49.83
C GLN F 36 21.24 -15.59 50.53
N ASP F 37 22.18 -16.19 49.83
CA ASP F 37 23.48 -16.42 50.41
C ASP F 37 24.24 -15.15 50.71
N VAL F 38 24.15 -14.16 49.82
CA VAL F 38 24.79 -12.87 50.08
C VAL F 38 24.16 -12.21 51.29
N SER F 39 22.85 -12.29 51.40
CA SER F 39 22.18 -11.73 52.54
C SER F 39 22.69 -12.39 53.81
N ASP F 40 22.79 -13.71 53.81
CA ASP F 40 23.36 -14.39 54.98
C ASP F 40 24.77 -13.89 55.27
N HIS F 41 25.59 -13.71 54.22
CA HIS F 41 26.94 -13.21 54.44
C HIS F 41 26.92 -11.82 55.06
N LEU F 42 26.02 -10.95 54.59
CA LEU F 42 25.95 -9.59 55.12
C LEU F 42 25.51 -9.58 56.57
N ARG F 43 24.59 -10.47 56.94
CA ARG F 43 24.12 -10.50 58.32
C ARG F 43 25.22 -10.99 59.25
N GLY F 44 25.91 -12.05 58.87
CA GLY F 44 27.05 -12.49 59.65
C GLY F 44 28.12 -11.44 59.77
N GLN F 45 28.36 -10.70 58.71
CA GLN F 45 29.36 -9.67 58.73
C GLN F 45 28.99 -8.62 59.75
N TYR F 46 27.74 -8.18 59.74
CA TYR F 46 27.29 -7.15 60.65
C TYR F 46 27.39 -7.61 62.08
N ASN F 47 27.04 -8.85 62.31
CA ASN F 47 27.02 -9.35 63.66
C ASN F 47 28.39 -9.33 64.28
N ALA F 48 29.39 -9.69 63.50
CA ALA F 48 30.72 -9.73 64.02
C ALA F 48 31.27 -8.35 64.23
N SER F 49 30.86 -7.43 63.40
CA SER F 49 31.34 -6.06 63.49
C SER F 49 30.74 -5.27 64.62
N LEU F 50 29.70 -5.78 65.23
CA LEU F 50 29.02 -5.04 66.28
C LEU F 50 29.99 -4.81 67.40
N HIS F 51 29.93 -3.63 67.98
CA HIS F 51 30.83 -3.23 69.06
C HIS F 51 32.15 -2.77 68.55
N ASN F 52 32.28 -2.69 67.22
CA ASN F 52 33.44 -2.10 66.64
C ASN F 52 32.73 -1.02 65.88
N ARG F 53 32.81 0.19 66.35
CA ARG F 53 32.09 1.26 65.73
C ARG F 53 32.58 1.52 64.33
N ASP F 54 33.88 1.44 64.14
CA ASP F 54 34.43 1.79 62.86
C ASP F 54 33.98 0.89 61.75
N GLU F 55 33.96 -0.40 61.99
CA GLU F 55 33.44 -1.29 60.98
C GLU F 55 31.96 -1.10 60.77
N ILE F 56 31.24 -0.85 61.84
CA ILE F 56 29.81 -0.65 61.73
C ILE F 56 29.54 0.58 60.90
N THR F 57 30.31 1.63 61.11
CA THR F 57 30.12 2.83 60.35
C THR F 57 30.37 2.55 58.86
N ARG F 58 31.37 1.75 58.56
CA ARG F 58 31.66 1.42 57.18
C ARG F 58 30.54 0.66 56.52
N ILE F 59 29.96 -0.31 57.22
CA ILE F 59 28.88 -1.09 56.66
C ILE F 59 27.70 -0.16 56.41
N ALA F 60 27.43 0.72 57.34
CA ALA F 60 26.34 1.64 57.18
C ALA F 60 26.57 2.54 56.00
N ASN F 61 27.78 3.00 55.84
CA ASN F 61 28.08 3.92 54.76
C ASN F 61 28.03 3.22 53.42
N ALA F 62 28.41 1.96 53.39
CA ALA F 62 28.37 1.19 52.15
C ALA F 62 26.94 0.84 51.75
N GLU F 63 26.02 0.78 52.71
CA GLU F 63 24.62 0.46 52.48
C GLU F 63 24.41 -0.87 51.71
N PRO F 64 25.11 -1.94 52.11
CA PRO F 64 25.09 -3.15 51.26
C PRO F 64 23.72 -3.82 51.16
N GLY F 65 22.86 -3.73 52.18
CA GLY F 65 21.55 -4.34 52.06
C GLY F 65 20.67 -3.67 51.03
N ARG F 66 20.67 -2.33 50.99
CA ARG F 66 19.95 -1.63 49.94
C ARG F 66 20.49 -2.00 48.56
N TRP F 67 21.81 -2.11 48.41
CA TRP F 67 22.40 -2.42 47.12
C TRP F 67 22.03 -3.83 46.67
N LEU F 68 21.96 -4.77 47.61
CA LEU F 68 21.48 -6.11 47.29
C LEU F 68 20.02 -6.08 46.85
N ALA F 69 19.19 -5.25 47.51
CA ALA F 69 17.80 -5.13 47.07
C ALA F 69 17.69 -4.54 45.66
N ILE F 70 18.52 -3.54 45.37
CA ILE F 70 18.57 -2.96 44.02
C ILE F 70 18.92 -4.05 43.02
N GLY F 71 19.95 -4.84 43.31
CA GLY F 71 20.34 -5.89 42.40
C GLY F 71 19.24 -6.91 42.17
N LYS F 72 18.54 -7.28 43.24
CA LYS F 72 17.43 -8.22 43.12
C LYS F 72 16.35 -7.69 42.20
N THR F 73 15.96 -6.43 42.40
CA THR F 73 14.95 -5.85 41.52
C THR F 73 15.41 -5.83 40.06
N ASP F 74 16.67 -5.45 39.81
CA ASP F 74 17.15 -5.39 38.43
C ASP F 74 17.16 -6.78 37.80
N ILE F 75 17.59 -7.80 38.55
CA ILE F 75 17.58 -9.14 38.01
C ILE F 75 16.15 -9.55 37.64
N GLN F 76 15.19 -9.25 38.53
CA GLN F 76 13.82 -9.67 38.26
C GLN F 76 13.22 -8.93 37.07
N THR F 77 13.45 -7.61 36.97
CA THR F 77 12.89 -6.86 35.85
C THR F 77 13.55 -7.26 34.54
N GLY F 78 14.85 -7.59 34.57
CA GLY F 78 15.48 -8.10 33.37
C GLY F 78 14.89 -9.42 32.94
N MET F 79 14.66 -10.31 33.91
CA MET F 79 13.97 -11.56 33.58
C MET F 79 12.64 -11.27 32.90
N MET F 80 11.87 -10.35 33.44
CA MET F 80 10.57 -10.04 32.83
C MET F 80 10.73 -9.52 31.41
N ALA F 81 11.76 -8.70 31.15
CA ALA F 81 11.93 -8.14 29.81
C ALA F 81 12.33 -9.21 28.81
N ILE F 82 13.23 -10.10 29.20
CA ILE F 82 13.59 -11.21 28.32
C ILE F 82 12.37 -12.07 28.01
N ILE F 83 11.54 -12.33 29.04
CA ILE F 83 10.34 -13.15 28.81
C ILE F 83 9.39 -12.42 27.87
N ARG F 84 9.34 -11.10 27.97
CA ARG F 84 8.51 -10.35 27.04
C ARG F 84 9.04 -10.48 25.61
N ALA F 85 10.36 -10.52 25.47
CA ALA F 85 10.95 -10.71 24.14
C ALA F 85 10.57 -12.06 23.55
N ILE F 86 10.49 -13.09 24.39
CA ILE F 86 10.07 -14.42 23.91
C ILE F 86 8.56 -14.46 23.67
N ALA F 87 7.77 -14.03 24.65
CA ALA F 87 6.31 -14.20 24.60
C ALA F 87 5.66 -13.27 23.60
N GLN F 88 6.22 -12.08 23.43
CA GLN F 88 5.79 -11.10 22.44
C GLN F 88 4.29 -10.80 22.55
N PRO F 89 3.85 -10.18 23.64
CA PRO F 89 2.45 -9.76 23.73
C PRO F 89 2.12 -8.68 22.70
N ASP F 90 0.89 -8.71 22.19
CA ASP F 90 0.45 -7.75 21.19
C ASP F 90 -0.22 -6.55 21.87
N SER F 91 0.52 -5.88 22.75
CA SER F 91 -0.06 -4.69 23.36
C SER F 91 1.07 -3.78 23.82
N PHE F 92 0.70 -2.53 24.06
CA PHE F 92 1.65 -1.56 24.55
C PHE F 92 2.24 -1.98 25.89
#